data_7QTU
#
_entry.id   7QTU
#
_cell.length_a   77.836
_cell.length_b   77.716
_cell.length_c   64.752
_cell.angle_alpha   90.000
_cell.angle_beta   94.161
_cell.angle_gamma   90.000
#
_symmetry.space_group_name_H-M   'C 1 2 1'
#
loop_
_entity.id
_entity.type
_entity.pdbx_description
1 polymer 'Protein scribble homolog'
2 polymer 'Non-structural protein 1'
#
loop_
_entity_poly.entity_id
_entity_poly.type
_entity_poly.pdbx_seq_one_letter_code
_entity_poly.pdbx_strand_id
1 'polypeptide(L)'
;GGSVEEIRLPRAGGPLGLSIVGGSDHSSHPFGVQEPGVFISKVLPRGLAARSGLRVGDRILAVNGQDVRDATHQEAVSAL
LRPCLELSLLVRRD
;
B,A,E,G
2 'polypeptide(L)' KMARTIESKV D,C,F,H
#
# COMPACT_ATOMS: atom_id res chain seq x y z
N GLY A 2 10.40 9.72 27.96
CA GLY A 2 10.18 10.33 26.67
C GLY A 2 8.74 10.74 26.46
N SER A 3 8.52 11.75 25.60
CA SER A 3 7.20 12.28 25.34
C SER A 3 6.90 12.25 23.85
N VAL A 4 5.60 12.19 23.53
CA VAL A 4 5.13 12.12 22.15
C VAL A 4 4.16 13.27 21.93
N GLU A 5 4.37 14.02 20.85
CA GLU A 5 3.54 15.17 20.52
C GLU A 5 3.07 15.06 19.08
N GLU A 6 1.89 15.61 18.79
CA GLU A 6 1.33 15.64 17.44
C GLU A 6 1.48 17.06 16.90
N ILE A 7 2.33 17.23 15.89
CA ILE A 7 2.59 18.53 15.28
C ILE A 7 1.76 18.64 14.00
N ARG A 8 1.33 19.86 13.69
CA ARG A 8 0.51 20.12 12.52
C ARG A 8 1.11 21.30 11.75
N LEU A 9 1.51 21.05 10.50
CA LEU A 9 2.06 22.08 9.64
C LEU A 9 1.09 22.34 8.50
N PRO A 10 0.64 23.58 8.28
CA PRO A 10 -0.33 23.83 7.19
C PRO A 10 0.35 23.86 5.84
N ARG A 11 0.12 22.83 5.04
CA ARG A 11 0.73 22.73 3.71
C ARG A 11 0.44 23.98 2.90
N ALA A 12 1.50 24.66 2.47
CA ALA A 12 1.37 25.89 1.70
C ALA A 12 2.20 25.87 0.43
N GLY A 13 2.54 24.69 -0.07
CA GLY A 13 3.37 24.61 -1.26
C GLY A 13 4.71 25.28 -1.13
N GLY A 14 5.18 25.47 0.10
CA GLY A 14 6.48 26.08 0.33
C GLY A 14 7.35 25.19 1.19
N PRO A 15 8.56 25.66 1.50
CA PRO A 15 9.49 24.85 2.29
C PRO A 15 8.92 24.57 3.68
N LEU A 16 8.80 23.28 4.01
CA LEU A 16 8.32 22.90 5.33
C LEU A 16 9.22 23.46 6.43
N GLY A 17 10.48 23.78 6.12
CA GLY A 17 11.34 24.44 7.06
C GLY A 17 12.20 23.52 7.91
N LEU A 18 12.44 22.30 7.47
CA LEU A 18 13.19 21.35 8.27
C LEU A 18 14.14 20.55 7.39
N SER A 19 14.99 19.76 8.04
CA SER A 19 15.86 18.78 7.42
C SER A 19 15.86 17.55 8.31
N ILE A 20 15.99 16.38 7.71
CA ILE A 20 15.98 15.14 8.47
C ILE A 20 17.22 14.32 8.16
N VAL A 21 17.59 13.46 9.12
CA VAL A 21 18.68 12.52 8.98
C VAL A 21 18.18 11.17 9.47
N GLY A 22 18.82 10.11 9.00
CA GLY A 22 18.57 8.78 9.51
C GLY A 22 17.63 7.96 8.66
N GLY A 23 17.21 6.84 9.24
CA GLY A 23 16.39 5.85 8.58
C GLY A 23 17.09 4.50 8.57
N SER A 24 16.54 3.60 7.77
CA SER A 24 17.14 2.27 7.59
C SER A 24 17.90 2.20 6.28
N PRO A 36 18.88 4.02 13.27
CA PRO A 36 17.49 3.59 13.03
C PRO A 36 16.49 4.64 13.47
N GLY A 37 15.91 5.35 12.52
CA GLY A 37 14.94 6.39 12.82
C GLY A 37 15.21 7.64 12.01
N VAL A 38 14.19 8.48 11.84
CA VAL A 38 14.31 9.74 11.11
C VAL A 38 14.24 10.86 12.15
N PHE A 39 15.32 11.60 12.30
CA PHE A 39 15.42 12.67 13.28
C PHE A 39 15.52 14.01 12.60
N ILE A 40 14.91 15.02 13.18
CA ILE A 40 15.00 16.37 12.62
C ILE A 40 16.36 16.95 13.00
N SER A 41 17.12 17.34 11.98
CA SER A 41 18.49 17.85 12.16
C SER A 41 18.58 19.37 12.11
N LYS A 42 17.68 20.04 11.40
CA LYS A 42 17.68 21.49 11.31
C LYS A 42 16.25 21.99 11.26
N VAL A 43 16.02 23.13 11.90
CA VAL A 43 14.71 23.78 11.93
C VAL A 43 14.94 25.26 11.66
N LEU A 44 14.45 25.74 10.52
CA LEU A 44 14.66 27.12 10.15
C LEU A 44 14.01 28.05 11.17
N PRO A 45 14.73 29.06 11.67
CA PRO A 45 14.11 29.96 12.66
C PRO A 45 12.86 30.65 12.15
N ARG A 46 12.78 30.90 10.84
CA ARG A 46 11.65 31.56 10.22
C ARG A 46 10.76 30.58 9.44
N GLY A 47 11.03 29.29 9.54
CA GLY A 47 10.33 28.31 8.73
C GLY A 47 9.02 27.86 9.34
N LEU A 48 8.28 27.07 8.55
CA LEU A 48 7.02 26.53 9.03
C LEU A 48 7.22 25.58 10.20
N ALA A 49 8.29 24.78 10.16
CA ALA A 49 8.52 23.81 11.22
C ALA A 49 8.74 24.49 12.55
N ALA A 50 9.46 25.62 12.57
CA ALA A 50 9.70 26.34 13.81
C ALA A 50 8.43 27.02 14.31
N ARG A 51 7.58 27.49 13.40
CA ARG A 51 6.34 28.16 13.78
C ARG A 51 5.26 27.18 14.25
N SER A 52 5.48 25.88 14.12
CA SER A 52 4.46 24.89 14.44
C SER A 52 4.90 23.91 15.52
N GLY A 53 6.07 24.09 16.10
CA GLY A 53 6.47 23.34 17.28
C GLY A 53 7.59 22.34 17.09
N LEU A 54 8.10 22.17 15.87
CA LEU A 54 9.14 21.19 15.64
C LEU A 54 10.47 21.65 16.23
N ARG A 55 11.27 20.68 16.67
CA ARG A 55 12.55 20.97 17.30
C ARG A 55 13.60 19.96 16.82
N VAL A 56 14.86 20.39 16.85
CA VAL A 56 15.95 19.49 16.48
C VAL A 56 16.02 18.34 17.48
N GLY A 57 16.35 17.16 16.99
CA GLY A 57 16.41 15.96 17.81
C GLY A 57 15.12 15.16 17.84
N ASP A 58 13.99 15.76 17.48
CA ASP A 58 12.74 15.03 17.45
C ASP A 58 12.81 13.90 16.43
N ARG A 59 12.24 12.76 16.79
CA ARG A 59 12.15 11.61 15.89
C ARG A 59 10.76 11.61 15.26
N ILE A 60 10.73 11.68 13.92
CA ILE A 60 9.46 11.59 13.22
C ILE A 60 8.95 10.16 13.30
N LEU A 61 7.79 9.97 13.92
CA LEU A 61 7.19 8.65 14.05
C LEU A 61 6.13 8.36 13.02
N ALA A 62 5.40 9.37 12.55
CA ALA A 62 4.31 9.14 11.60
C ALA A 62 4.03 10.42 10.83
N VAL A 63 3.76 10.26 9.54
CA VAL A 63 3.44 11.36 8.64
C VAL A 63 2.03 11.13 8.11
N ASN A 64 1.06 11.89 8.61
CA ASN A 64 -0.33 11.74 8.22
C ASN A 64 -0.79 10.29 8.35
N GLY A 65 -0.46 9.68 9.48
CA GLY A 65 -0.90 8.34 9.79
C GLY A 65 -0.03 7.24 9.25
N GLN A 66 0.84 7.52 8.29
CA GLN A 66 1.77 6.53 7.77
C GLN A 66 2.91 6.35 8.76
N ASP A 67 3.15 5.11 9.18
CA ASP A 67 4.19 4.81 10.16
C ASP A 67 5.56 4.88 9.48
N VAL A 68 6.38 5.85 9.90
CA VAL A 68 7.73 5.99 9.39
C VAL A 68 8.76 5.67 10.48
N ARG A 69 8.36 4.91 11.49
CA ARG A 69 9.28 4.58 12.57
C ARG A 69 10.52 3.87 12.06
N ASP A 70 10.33 2.90 11.15
CA ASP A 70 11.44 2.15 10.57
C ASP A 70 11.55 2.38 9.07
N ALA A 71 11.13 3.56 8.62
CA ALA A 71 11.16 3.87 7.20
C ALA A 71 12.57 4.24 6.75
N THR A 72 12.87 3.96 5.49
CA THR A 72 14.13 4.39 4.91
C THR A 72 14.15 5.91 4.80
N HIS A 73 15.37 6.47 4.69
CA HIS A 73 15.49 7.91 4.58
C HIS A 73 14.64 8.44 3.44
N GLN A 74 14.75 7.82 2.26
CA GLN A 74 13.96 8.27 1.11
C GLN A 74 12.50 7.91 1.27
N GLU A 75 12.19 6.81 1.95
CA GLU A 75 10.80 6.54 2.30
C GLU A 75 10.21 7.68 3.12
N ALA A 76 10.99 8.21 4.06
CA ALA A 76 10.51 9.34 4.86
C ALA A 76 10.43 10.61 4.04
N VAL A 77 11.36 10.79 3.09
CA VAL A 77 11.37 12.00 2.27
C VAL A 77 10.12 12.05 1.41
N SER A 78 9.75 10.90 0.81
CA SER A 78 8.54 10.88 0.00
C SER A 78 7.30 11.13 0.85
N ALA A 79 7.18 10.42 1.97
CA ALA A 79 6.06 10.65 2.87
C ALA A 79 5.93 12.13 3.19
N LEU A 80 7.06 12.78 3.51
CA LEU A 80 7.02 14.17 3.93
C LEU A 80 6.55 15.08 2.80
N LEU A 81 6.98 14.79 1.58
CA LEU A 81 6.71 15.69 0.46
C LEU A 81 5.59 15.22 -0.46
N ARG A 82 5.48 13.91 -0.72
CA ARG A 82 4.42 13.44 -1.60
C ARG A 82 3.06 14.00 -1.16
N PRO A 83 2.26 14.54 -2.09
CA PRO A 83 0.96 15.11 -1.71
C PRO A 83 -0.16 14.07 -1.72
N GLU A 86 -3.31 20.46 5.47
CA GLU A 86 -2.54 20.38 6.71
C GLU A 86 -1.88 19.02 6.86
N LEU A 87 -0.61 19.01 7.23
CA LEU A 87 0.18 17.79 7.40
C LEU A 87 0.44 17.55 8.87
N SER A 88 0.20 16.32 9.32
CA SER A 88 0.33 15.95 10.72
C SER A 88 1.59 15.11 10.91
N LEU A 89 2.44 15.54 11.85
CA LEU A 89 3.63 14.80 12.21
C LEU A 89 3.53 14.41 13.68
N LEU A 90 3.69 13.12 13.97
CA LEU A 90 3.81 12.63 15.34
C LEU A 90 5.28 12.36 15.61
N VAL A 91 5.80 12.93 16.70
CA VAL A 91 7.22 12.85 17.00
C VAL A 91 7.41 12.38 18.44
N ARG A 92 8.55 11.75 18.69
CA ARG A 92 9.00 11.42 20.03
C ARG A 92 10.06 12.42 20.46
N ARG A 93 9.96 12.87 21.71
CA ARG A 93 10.81 13.94 22.22
C ARG A 93 11.15 13.66 23.68
N ASP A 94 12.43 13.83 24.02
CA ASP A 94 12.88 13.62 25.40
C ASP A 94 13.24 14.96 26.05
N ARG B 4 26.45 7.21 2.84
CA ARG B 4 26.24 6.80 4.22
C ARG B 4 25.15 7.67 4.86
N THR B 5 25.50 8.92 5.11
CA THR B 5 24.62 9.87 5.78
C THR B 5 24.01 10.81 4.75
N ILE B 6 22.72 11.09 4.91
CA ILE B 6 22.02 12.08 4.10
C ILE B 6 21.35 13.07 5.04
N GLU B 7 21.37 14.34 4.67
CA GLU B 7 20.52 15.36 5.28
C GLU B 7 19.65 15.93 4.17
N SER B 8 18.33 15.82 4.33
CA SER B 8 17.39 16.24 3.29
C SER B 8 16.68 17.50 3.75
N LYS B 9 16.90 18.60 3.05
CA LYS B 9 16.25 19.87 3.35
C LYS B 9 14.90 19.93 2.63
N VAL B 10 13.83 20.07 3.39
CA VAL B 10 12.48 20.08 2.81
C VAL B 10 11.77 21.38 3.14
N GLY C 2 -18.31 6.46 -11.80
CA GLY C 2 -18.63 5.53 -12.88
C GLY C 2 -18.27 6.06 -14.26
N SER C 3 -16.97 6.23 -14.50
CA SER C 3 -16.45 6.66 -15.79
C SER C 3 -15.67 5.53 -16.44
N VAL C 4 -15.75 5.45 -17.77
CA VAL C 4 -15.14 4.37 -18.53
C VAL C 4 -14.25 4.99 -19.61
N GLU C 5 -12.95 4.77 -19.49
CA GLU C 5 -11.98 5.20 -20.49
C GLU C 5 -11.36 3.98 -21.18
N GLU C 6 -10.88 4.20 -22.41
CA GLU C 6 -10.12 3.18 -23.14
C GLU C 6 -8.67 3.62 -23.24
N ILE C 7 -7.79 2.83 -22.61
CA ILE C 7 -6.35 3.06 -22.60
C ILE C 7 -5.71 2.15 -23.64
N ARG C 8 -4.91 2.74 -24.53
CA ARG C 8 -4.14 2.00 -25.52
C ARG C 8 -2.65 2.19 -25.26
N LEU C 9 -1.91 1.09 -25.32
CA LEU C 9 -0.53 1.05 -24.91
C LEU C 9 0.33 0.42 -26.00
N PRO C 10 1.46 1.04 -26.36
CA PRO C 10 2.35 0.40 -27.34
C PRO C 10 2.79 -0.98 -26.86
N ARG C 11 2.64 -1.97 -27.74
CA ARG C 11 3.06 -3.34 -27.46
C ARG C 11 4.50 -3.49 -27.93
N ALA C 12 5.44 -3.23 -27.03
CA ALA C 12 6.87 -3.32 -27.34
C ALA C 12 7.55 -4.48 -26.62
N GLY C 13 6.78 -5.41 -26.05
CA GLY C 13 7.39 -6.52 -25.34
C GLY C 13 8.23 -6.11 -24.16
N GLY C 14 7.86 -5.02 -23.49
CA GLY C 14 8.60 -4.54 -22.35
C GLY C 14 7.71 -4.38 -21.13
N PRO C 15 8.27 -3.82 -20.06
CA PRO C 15 7.49 -3.63 -18.82
C PRO C 15 6.36 -2.63 -19.04
N LEU C 16 5.13 -3.11 -18.89
CA LEU C 16 3.97 -2.23 -19.03
C LEU C 16 3.96 -1.12 -17.99
N GLY C 17 4.59 -1.35 -16.83
CA GLY C 17 4.68 -0.31 -15.82
C GLY C 17 3.50 -0.23 -14.89
N LEU C 18 2.87 -1.36 -14.60
CA LEU C 18 1.70 -1.38 -13.73
C LEU C 18 1.72 -2.63 -12.86
N SER C 19 0.85 -2.65 -11.85
CA SER C 19 0.72 -3.77 -10.94
C SER C 19 -0.75 -3.90 -10.57
N ILE C 20 -1.29 -5.11 -10.64
CA ILE C 20 -2.71 -5.34 -10.44
C ILE C 20 -2.93 -6.10 -9.13
N VAL C 21 -4.18 -6.09 -8.68
CA VAL C 21 -4.56 -6.64 -7.39
C VAL C 21 -5.95 -7.25 -7.53
N GLY C 22 -6.18 -8.34 -6.81
CA GLY C 22 -7.52 -8.88 -6.70
C GLY C 22 -7.94 -9.79 -7.84
N GLY C 23 -9.22 -10.12 -7.82
CA GLY C 23 -9.79 -11.03 -8.79
C GLY C 23 -10.94 -11.81 -8.19
N SER C 24 -11.47 -12.74 -8.98
CA SER C 24 -12.56 -13.59 -8.51
C SER C 24 -12.03 -14.46 -7.36
N ASP C 25 -10.76 -14.88 -7.49
CA ASP C 25 -9.92 -15.49 -6.43
C ASP C 25 -8.74 -16.11 -7.15
N GLU C 35 -13.75 -10.31 -3.26
CA GLU C 35 -14.37 -9.18 -3.98
C GLU C 35 -13.96 -9.25 -5.43
N PRO C 36 -14.91 -9.27 -6.30
CA PRO C 36 -14.56 -9.44 -7.69
C PRO C 36 -13.90 -8.18 -8.22
N GLY C 37 -13.04 -8.41 -9.20
CA GLY C 37 -12.38 -7.36 -9.93
C GLY C 37 -10.89 -7.31 -9.75
N VAL C 38 -10.21 -6.89 -10.81
CA VAL C 38 -8.77 -6.69 -10.82
C VAL C 38 -8.48 -5.20 -10.92
N PHE C 39 -7.72 -4.68 -9.97
CA PHE C 39 -7.49 -3.25 -9.87
C PHE C 39 -6.03 -2.88 -10.04
N ILE C 40 -5.81 -1.73 -10.67
CA ILE C 40 -4.49 -1.15 -10.86
C ILE C 40 -4.07 -0.53 -9.54
N SER C 41 -3.03 -1.10 -8.95
CA SER C 41 -2.56 -0.69 -7.64
C SER C 41 -1.30 0.16 -7.70
N LYS C 42 -0.46 -0.02 -8.73
CA LYS C 42 0.76 0.76 -8.89
C LYS C 42 0.93 1.12 -10.35
N VAL C 43 1.45 2.33 -10.59
CA VAL C 43 1.75 2.82 -11.92
C VAL C 43 3.18 3.37 -11.87
N LEU C 44 4.08 2.72 -12.58
CA LEU C 44 5.49 3.11 -12.54
C LEU C 44 5.63 4.56 -13.02
N PRO C 45 6.42 5.39 -12.33
CA PRO C 45 6.40 6.82 -12.63
C PRO C 45 6.75 7.16 -14.07
N ARG C 46 7.74 6.47 -14.64
CA ARG C 46 8.14 6.68 -16.02
C ARG C 46 7.67 5.55 -16.94
N GLY C 47 6.89 4.61 -16.40
CA GLY C 47 6.52 3.43 -17.16
C GLY C 47 5.56 3.74 -18.30
N LEU C 48 5.39 2.74 -19.16
CA LEU C 48 4.49 2.87 -20.30
C LEU C 48 3.05 3.11 -19.85
N ALA C 49 2.65 2.52 -18.72
CA ALA C 49 1.28 2.68 -18.26
C ALA C 49 1.01 4.12 -17.82
N ALA C 50 1.94 4.71 -17.07
CA ALA C 50 1.73 6.08 -16.59
C ALA C 50 1.66 7.06 -17.76
N ARG C 51 2.53 6.90 -18.74
CA ARG C 51 2.57 7.81 -19.88
C ARG C 51 1.34 7.70 -20.76
N SER C 52 0.48 6.71 -20.54
CA SER C 52 -0.66 6.49 -21.41
C SER C 52 -2.00 6.80 -20.75
N GLY C 53 -2.01 7.13 -19.45
CA GLY C 53 -3.22 7.57 -18.79
C GLY C 53 -3.73 6.67 -17.70
N LEU C 54 -3.11 5.51 -17.48
CA LEU C 54 -3.55 4.64 -16.40
C LEU C 54 -3.27 5.27 -15.05
N ARG C 55 -4.15 5.00 -14.09
CA ARG C 55 -4.03 5.53 -12.75
C ARG C 55 -4.39 4.46 -11.74
N VAL C 56 -3.85 4.59 -10.54
CA VAL C 56 -4.20 3.65 -9.47
C VAL C 56 -5.69 3.73 -9.22
N GLY C 57 -6.29 2.58 -8.89
CA GLY C 57 -7.70 2.49 -8.61
C GLY C 57 -8.56 2.15 -9.81
N ASP C 58 -8.03 2.24 -11.03
CA ASP C 58 -8.79 1.87 -12.20
C ASP C 58 -9.09 0.38 -12.19
N ARG C 59 -10.35 0.04 -12.42
CA ARG C 59 -10.74 -1.36 -12.56
C ARG C 59 -10.55 -1.78 -14.02
N ILE C 60 -9.76 -2.81 -14.25
CA ILE C 60 -9.58 -3.36 -15.59
C ILE C 60 -10.82 -4.17 -15.94
N LEU C 61 -11.50 -3.79 -17.02
CA LEU C 61 -12.70 -4.48 -17.45
C LEU C 61 -12.47 -5.42 -18.63
N ALA C 62 -11.56 -5.07 -19.54
CA ALA C 62 -11.33 -5.91 -20.71
C ALA C 62 -9.92 -5.69 -21.23
N VAL C 63 -9.27 -6.79 -21.63
CA VAL C 63 -7.94 -6.76 -22.22
C VAL C 63 -8.07 -7.24 -23.65
N ASN C 64 -7.79 -6.36 -24.60
CA ASN C 64 -7.94 -6.69 -26.02
C ASN C 64 -9.30 -7.33 -26.31
N GLY C 65 -10.36 -6.79 -25.70
CA GLY C 65 -11.70 -7.24 -25.96
C GLY C 65 -12.15 -8.43 -25.15
N GLN C 66 -11.23 -9.20 -24.59
CA GLN C 66 -11.61 -10.23 -23.62
C GLN C 66 -12.09 -9.56 -22.32
N ASP C 67 -13.27 -9.97 -21.82
CA ASP C 67 -13.76 -9.35 -20.60
C ASP C 67 -13.13 -10.02 -19.39
N VAL C 68 -12.39 -9.24 -18.61
CA VAL C 68 -11.73 -9.70 -17.41
C VAL C 68 -12.43 -9.15 -16.17
N ARG C 69 -13.68 -8.71 -16.31
CA ARG C 69 -14.35 -8.01 -15.21
C ARG C 69 -14.49 -8.91 -13.98
N ASP C 70 -14.72 -10.21 -14.21
CA ASP C 70 -14.82 -11.22 -13.16
C ASP C 70 -13.82 -12.35 -13.40
N ALA C 71 -12.70 -12.04 -14.05
CA ALA C 71 -11.60 -13.00 -14.18
C ALA C 71 -10.87 -13.13 -12.85
N THR C 72 -10.39 -14.34 -12.58
CA THR C 72 -9.45 -14.55 -11.49
C THR C 72 -8.20 -13.71 -11.70
N HIS C 73 -7.46 -13.48 -10.62
CA HIS C 73 -6.26 -12.66 -10.75
C HIS C 73 -5.32 -13.24 -11.80
N GLN C 74 -5.18 -14.57 -11.84
CA GLN C 74 -4.25 -15.18 -12.79
C GLN C 74 -4.74 -15.04 -14.23
N GLU C 75 -6.05 -15.13 -14.43
CA GLU C 75 -6.59 -14.96 -15.79
C GLU C 75 -6.29 -13.57 -16.32
N ALA C 76 -6.30 -12.55 -15.46
CA ALA C 76 -5.96 -11.21 -15.91
C ALA C 76 -4.48 -11.09 -16.24
N VAL C 77 -3.62 -11.75 -15.46
CA VAL C 77 -2.18 -11.70 -15.72
C VAL C 77 -1.87 -12.30 -17.08
N SER C 78 -2.52 -13.42 -17.43
CA SER C 78 -2.34 -14.00 -18.75
C SER C 78 -2.86 -13.08 -19.85
N ALA C 79 -4.07 -12.53 -19.67
CA ALA C 79 -4.58 -11.59 -20.67
C ALA C 79 -3.62 -10.42 -20.86
N LEU C 80 -2.91 -10.03 -19.81
CA LEU C 80 -2.01 -8.89 -19.91
C LEU C 80 -0.73 -9.27 -20.66
N LEU C 81 -0.19 -10.45 -20.35
CA LEU C 81 1.12 -10.87 -20.87
C LEU C 81 0.87 -11.62 -22.18
N ARG C 82 0.31 -10.87 -23.12
CA ARG C 82 -0.09 -11.42 -24.40
C ARG C 82 -0.52 -10.27 -25.30
N CYS C 84 -2.30 -6.29 -32.75
CA CYS C 84 -1.07 -6.85 -32.20
C CYS C 84 0.05 -5.83 -32.06
N LEU C 85 -0.19 -4.64 -32.61
CA LEU C 85 0.75 -3.52 -32.48
C LEU C 85 0.49 -2.69 -31.24
N GLU C 86 -0.71 -2.76 -30.67
CA GLU C 86 -0.99 -2.12 -29.39
C GLU C 86 -1.80 -3.07 -28.52
N LEU C 87 -1.85 -2.77 -27.23
CA LEU C 87 -2.65 -3.52 -26.27
C LEU C 87 -3.72 -2.60 -25.69
N SER C 88 -4.96 -3.05 -25.71
CA SER C 88 -6.10 -2.22 -25.34
C SER C 88 -6.64 -2.65 -23.98
N LEU C 89 -6.73 -1.71 -23.05
CA LEU C 89 -7.36 -1.92 -21.75
C LEU C 89 -8.50 -0.94 -21.60
N LEU C 90 -9.69 -1.45 -21.30
CA LEU C 90 -10.84 -0.61 -20.98
C LEU C 90 -11.07 -0.66 -19.47
N VAL C 91 -11.16 0.50 -18.85
CA VAL C 91 -11.17 0.59 -17.39
C VAL C 91 -12.34 1.44 -16.93
N ARG C 92 -12.83 1.12 -15.73
CA ARG C 92 -13.79 1.98 -15.03
C ARG C 92 -13.07 2.74 -13.93
N ARG C 93 -13.49 3.99 -13.72
CA ARG C 93 -12.78 4.94 -12.88
C ARG C 93 -13.82 5.68 -12.05
N ASP C 94 -13.70 5.59 -10.73
CA ASP C 94 -14.66 6.23 -9.83
C ASP C 94 -14.31 7.71 -9.68
N ARG D 4 -3.67 -14.97 0.28
CA ARG D 4 -4.79 -14.61 -0.59
C ARG D 4 -4.43 -13.45 -1.52
N THR D 5 -3.86 -12.40 -0.96
CA THR D 5 -3.64 -11.16 -1.70
C THR D 5 -2.36 -11.24 -2.52
N ILE D 6 -2.48 -10.88 -3.80
CA ILE D 6 -1.37 -10.93 -4.75
C ILE D 6 -1.25 -9.56 -5.42
N GLU D 7 -0.01 -9.08 -5.54
CA GLU D 7 0.29 -7.92 -6.38
C GLU D 7 1.27 -8.37 -7.45
N SER D 8 0.89 -8.16 -8.71
CA SER D 8 1.68 -8.62 -9.84
C SER D 8 2.19 -7.42 -10.61
N LYS D 9 3.46 -7.08 -10.43
CA LYS D 9 4.11 -6.08 -11.26
C LYS D 9 4.39 -6.68 -12.63
N VAL D 10 3.98 -5.98 -13.69
CA VAL D 10 4.02 -6.55 -15.03
C VAL D 10 4.48 -5.52 -16.07
N GLY E 2 27.67 -22.80 -3.15
CA GLY E 2 26.48 -23.57 -3.40
C GLY E 2 25.92 -24.19 -2.13
N SER E 3 24.90 -23.55 -1.55
CA SER E 3 24.28 -24.00 -0.32
C SER E 3 22.78 -24.19 -0.52
N VAL E 4 22.23 -25.19 0.16
CA VAL E 4 20.80 -25.46 0.16
C VAL E 4 20.31 -25.44 1.60
N GLU E 5 19.30 -24.62 1.87
CA GLU E 5 18.70 -24.54 3.20
C GLU E 5 17.20 -24.71 3.08
N GLU E 6 16.60 -25.34 4.09
CA GLU E 6 15.16 -25.49 4.18
C GLU E 6 14.62 -24.41 5.12
N ILE E 7 14.01 -23.38 4.54
CA ILE E 7 13.43 -22.28 5.29
C ILE E 7 11.93 -22.49 5.38
N ARG E 8 11.37 -22.37 6.58
CA ARG E 8 9.97 -22.65 6.83
C ARG E 8 9.29 -21.40 7.34
N LEU E 9 8.08 -21.14 6.84
CA LEU E 9 7.32 -19.96 7.20
C LEU E 9 6.12 -20.35 8.04
N PRO E 10 5.97 -19.85 9.27
CA PRO E 10 4.73 -20.08 10.01
C PRO E 10 3.55 -19.42 9.31
N ARG E 11 2.50 -20.20 9.05
CA ARG E 11 1.34 -19.72 8.31
C ARG E 11 0.41 -18.98 9.26
N ALA E 12 0.53 -17.65 9.30
CA ALA E 12 -0.29 -16.81 10.17
C ALA E 12 -1.32 -16.01 9.38
N GLY E 13 -1.68 -16.46 8.18
CA GLY E 13 -2.70 -15.77 7.41
C GLY E 13 -2.33 -14.36 7.04
N GLY E 14 -1.05 -14.07 6.85
CA GLY E 14 -0.61 -12.76 6.45
C GLY E 14 0.33 -12.82 5.27
N PRO E 15 0.71 -11.66 4.74
CA PRO E 15 1.63 -11.64 3.58
C PRO E 15 2.93 -12.34 3.92
N LEU E 16 3.33 -13.28 3.07
CA LEU E 16 4.61 -13.98 3.28
C LEU E 16 5.77 -12.99 3.30
N GLY E 17 5.65 -11.88 2.59
CA GLY E 17 6.65 -10.84 2.63
C GLY E 17 7.75 -10.96 1.60
N LEU E 18 7.50 -11.66 0.49
CA LEU E 18 8.51 -11.85 -0.54
C LEU E 18 7.90 -11.56 -1.91
N SER E 19 8.76 -11.57 -2.92
CA SER E 19 8.35 -11.37 -4.31
C SER E 19 9.28 -12.22 -5.17
N ILE E 20 8.69 -12.98 -6.09
CA ILE E 20 9.47 -13.87 -6.96
C ILE E 20 9.45 -13.32 -8.37
N VAL E 21 10.41 -13.78 -9.17
CA VAL E 21 10.46 -13.48 -10.59
C VAL E 21 10.90 -14.75 -11.32
N GLY E 22 10.48 -14.86 -12.57
CA GLY E 22 11.01 -15.90 -13.43
C GLY E 22 10.18 -17.16 -13.47
N GLY E 23 10.75 -18.16 -14.15
CA GLY E 23 10.12 -19.42 -14.43
C GLY E 23 10.52 -19.89 -15.81
N SER E 24 9.77 -20.85 -16.34
CA SER E 24 10.04 -21.38 -17.68
C SER E 24 9.05 -20.82 -18.69
N PRO E 36 17.66 -18.78 -14.98
CA PRO E 36 17.12 -20.14 -15.16
C PRO E 36 16.59 -20.75 -13.87
N GLY E 37 15.35 -20.41 -13.55
CA GLY E 37 14.71 -20.85 -12.33
C GLY E 37 13.74 -19.78 -11.86
N VAL E 38 13.17 -20.03 -10.68
CA VAL E 38 12.30 -19.07 -10.00
C VAL E 38 13.07 -18.52 -8.82
N PHE E 39 13.18 -17.19 -8.73
CA PHE E 39 14.03 -16.56 -7.74
C PHE E 39 13.25 -15.53 -6.92
N ILE E 40 13.66 -15.40 -5.67
CA ILE E 40 13.15 -14.35 -4.78
C ILE E 40 13.86 -13.06 -5.17
N SER E 41 13.12 -12.09 -5.67
CA SER E 41 13.69 -10.82 -6.10
C SER E 41 13.63 -9.76 -5.03
N LYS E 42 12.72 -9.89 -4.07
CA LYS E 42 12.61 -8.94 -2.98
C LYS E 42 12.15 -9.67 -1.73
N VAL E 43 12.81 -9.32 -0.62
CA VAL E 43 12.42 -9.69 0.74
C VAL E 43 12.12 -8.39 1.49
N LEU E 44 10.88 -8.23 1.94
CA LEU E 44 10.45 -6.97 2.56
C LEU E 44 11.14 -6.86 3.91
N PRO E 45 11.78 -5.73 4.20
CA PRO E 45 12.92 -5.76 5.12
C PRO E 45 12.58 -6.24 6.52
N ARG E 46 11.39 -5.95 7.01
CA ARG E 46 10.94 -6.35 8.35
C ARG E 46 9.82 -7.38 8.27
N GLY E 47 9.67 -8.03 7.13
CA GLY E 47 8.60 -8.99 6.97
C GLY E 47 8.96 -10.37 7.46
N LEU E 48 7.94 -11.23 7.48
CA LEU E 48 8.09 -12.58 8.02
C LEU E 48 9.01 -13.45 7.16
N ALA E 49 9.11 -13.17 5.86
CA ALA E 49 10.05 -13.93 5.03
C ALA E 49 11.50 -13.58 5.38
N ALA E 50 11.78 -12.30 5.64
CA ALA E 50 13.13 -11.92 6.04
C ALA E 50 13.48 -12.49 7.40
N ARG E 51 12.51 -12.52 8.32
CA ARG E 51 12.75 -13.02 9.67
C ARG E 51 12.97 -14.53 9.70
N SER E 52 12.67 -15.25 8.64
CA SER E 52 12.79 -16.70 8.60
C SER E 52 14.05 -17.19 7.91
N GLY E 53 14.90 -16.28 7.43
CA GLY E 53 16.15 -16.64 6.79
C GLY E 53 16.17 -16.48 5.29
N LEU E 54 15.05 -16.11 4.68
CA LEU E 54 14.99 -15.95 3.24
C LEU E 54 15.66 -14.65 2.82
N ARG E 55 16.31 -14.69 1.66
CA ARG E 55 17.08 -13.55 1.18
C ARG E 55 16.86 -13.36 -0.32
N VAL E 56 17.02 -12.12 -0.77
CA VAL E 56 16.97 -11.83 -2.19
C VAL E 56 18.03 -12.68 -2.89
N GLY E 57 17.73 -13.12 -4.10
CA GLY E 57 18.63 -13.94 -4.88
C GLY E 57 18.45 -15.43 -4.70
N ASP E 58 17.75 -15.85 -3.64
CA ASP E 58 17.49 -17.27 -3.44
C ASP E 58 16.64 -17.82 -4.57
N ARG E 59 16.96 -19.04 -5.00
CA ARG E 59 16.20 -19.76 -6.01
C ARG E 59 15.33 -20.77 -5.29
N ILE E 60 14.00 -20.60 -5.37
CA ILE E 60 13.08 -21.54 -4.75
C ILE E 60 13.14 -22.86 -5.53
N LEU E 61 13.54 -23.93 -4.85
CA LEU E 61 13.62 -25.24 -5.47
C LEU E 61 12.39 -26.10 -5.23
N ALA E 62 11.72 -25.94 -4.09
CA ALA E 62 10.55 -26.75 -3.78
C ALA E 62 9.65 -25.99 -2.83
N VAL E 63 8.34 -26.19 -3.00
CA VAL E 63 7.33 -25.61 -2.12
C VAL E 63 6.52 -26.78 -1.55
N ASN E 64 6.60 -26.96 -0.24
CA ASN E 64 5.91 -28.05 0.46
C ASN E 64 6.19 -29.39 -0.22
N GLY E 65 7.46 -29.62 -0.56
CA GLY E 65 7.86 -30.85 -1.18
C GLY E 65 7.56 -30.97 -2.65
N GLN E 66 6.79 -30.04 -3.22
CA GLN E 66 6.54 -30.02 -4.65
C GLN E 66 7.73 -29.39 -5.36
N ASP E 67 8.27 -30.09 -6.36
CA ASP E 67 9.44 -29.60 -7.08
C ASP E 67 9.03 -28.45 -7.99
N VAL E 68 9.54 -27.25 -7.71
CA VAL E 68 9.28 -26.07 -8.53
C VAL E 68 10.55 -25.56 -9.19
N ARG E 69 11.54 -26.43 -9.37
CA ARG E 69 12.83 -25.99 -9.91
C ARG E 69 12.66 -25.40 -11.31
N ASP E 70 11.91 -26.10 -12.18
CA ASP E 70 11.57 -25.65 -13.52
C ASP E 70 10.07 -25.40 -13.69
N ALA E 71 9.37 -25.16 -12.58
CA ALA E 71 7.97 -24.77 -12.63
C ALA E 71 7.85 -23.38 -13.27
N THR E 72 6.72 -23.16 -13.93
CA THR E 72 6.44 -21.86 -14.52
C THR E 72 6.03 -20.87 -13.42
N HIS E 73 6.12 -19.58 -13.75
CA HIS E 73 5.92 -18.54 -12.74
C HIS E 73 4.58 -18.71 -12.04
N GLN E 74 3.50 -18.91 -12.81
CA GLN E 74 2.19 -19.09 -12.19
C GLN E 74 2.13 -20.39 -11.40
N GLU E 75 2.85 -21.41 -11.84
CA GLU E 75 2.91 -22.66 -11.07
C GLU E 75 3.56 -22.44 -9.71
N ALA E 76 4.66 -21.68 -9.69
CA ALA E 76 5.29 -21.33 -8.42
C ALA E 76 4.38 -20.46 -7.55
N VAL E 77 3.63 -19.54 -8.18
CA VAL E 77 2.70 -18.70 -7.42
C VAL E 77 1.63 -19.56 -6.77
N SER E 78 1.03 -20.47 -7.55
CA SER E 78 -0.01 -21.32 -7.00
C SER E 78 0.50 -22.12 -5.81
N ALA E 79 1.67 -22.74 -5.97
CA ALA E 79 2.23 -23.54 -4.87
C ALA E 79 2.43 -22.68 -3.63
N LEU E 80 2.92 -21.46 -3.81
CA LEU E 80 3.26 -20.60 -2.68
C LEU E 80 2.02 -20.26 -1.86
N LEU E 81 0.87 -20.10 -2.50
CA LEU E 81 -0.33 -19.68 -1.80
C LEU E 81 -1.29 -20.83 -1.49
N ARG E 82 -1.32 -21.85 -2.33
CA ARG E 82 -2.26 -22.95 -2.20
C ARG E 82 -2.43 -23.44 -0.76
N LEU E 85 -0.38 -25.14 8.01
CA LEU E 85 0.12 -25.04 9.37
C LEU E 85 1.52 -24.42 9.37
N GLU E 86 2.44 -25.05 8.66
CA GLU E 86 3.76 -24.51 8.39
C GLU E 86 4.02 -24.64 6.89
N LEU E 87 4.78 -23.69 6.34
CA LEU E 87 5.09 -23.71 4.91
C LEU E 87 6.60 -23.79 4.73
N SER E 88 7.05 -24.88 4.13
CA SER E 88 8.47 -25.13 3.91
C SER E 88 8.87 -24.69 2.52
N LEU E 89 10.06 -24.08 2.42
CA LEU E 89 10.62 -23.64 1.15
C LEU E 89 12.09 -24.02 1.11
N LEU E 90 12.46 -24.89 0.17
CA LEU E 90 13.84 -25.30 -0.05
C LEU E 90 14.45 -24.44 -1.14
N VAL E 91 15.57 -23.80 -0.84
CA VAL E 91 16.18 -22.85 -1.76
C VAL E 91 17.67 -23.11 -1.87
N ARG E 92 18.22 -22.76 -3.03
CA ARG E 92 19.66 -22.78 -3.27
C ARG E 92 20.21 -21.37 -3.06
N ARG E 93 21.43 -21.30 -2.50
CA ARG E 93 22.03 -20.02 -2.15
C ARG E 93 23.55 -20.17 -2.23
N ASP E 94 24.20 -19.20 -2.87
CA ASP E 94 25.64 -19.22 -3.04
C ASP E 94 26.33 -18.52 -1.87
N ARG F 4 12.17 -12.32 -18.32
CA ARG F 4 11.66 -12.01 -16.99
C ARG F 4 10.74 -10.80 -17.06
N THR F 5 9.47 -11.07 -17.38
CA THR F 5 8.47 -10.05 -17.61
C THR F 5 7.48 -9.89 -16.47
N ILE F 6 7.61 -10.65 -15.39
CA ILE F 6 6.59 -10.69 -14.34
C ILE F 6 7.27 -10.76 -12.98
N GLU F 7 6.72 -10.00 -12.02
CA GLU F 7 7.14 -10.07 -10.63
C GLU F 7 5.89 -10.15 -9.77
N SER F 8 5.78 -11.19 -8.96
CA SER F 8 4.63 -11.38 -8.09
C SER F 8 5.04 -11.11 -6.64
N LYS F 9 4.28 -10.26 -5.96
CA LYS F 9 4.51 -9.94 -4.56
C LYS F 9 3.42 -10.62 -3.73
N VAL F 10 3.84 -11.46 -2.79
CA VAL F 10 2.89 -12.22 -2.00
C VAL F 10 3.16 -12.04 -0.51
N GLY G 1 -9.66 -7.71 23.15
CA GLY G 1 -11.08 -7.71 22.83
C GLY G 1 -11.37 -6.80 21.64
N GLY G 2 -10.45 -5.86 21.40
CA GLY G 2 -10.54 -4.97 20.27
C GLY G 2 -9.29 -5.06 19.42
N SER G 3 -9.45 -4.84 18.12
CA SER G 3 -8.36 -4.88 17.17
C SER G 3 -8.28 -3.54 16.45
N VAL G 4 -7.07 -3.01 16.33
CA VAL G 4 -6.83 -1.71 15.73
C VAL G 4 -5.96 -1.92 14.50
N GLU G 5 -6.48 -1.52 13.35
CA GLU G 5 -5.78 -1.64 12.08
C GLU G 5 -5.72 -0.27 11.42
N GLU G 6 -4.71 -0.07 10.58
CA GLU G 6 -4.64 1.11 9.73
C GLU G 6 -5.06 0.73 8.31
N ILE G 7 -6.21 1.25 7.89
CA ILE G 7 -6.74 1.05 6.55
C ILE G 7 -6.42 2.29 5.73
N ARG G 8 -5.59 2.11 4.73
CA ARG G 8 -5.22 3.18 3.81
C ARG G 8 -6.05 3.10 2.54
N LEU G 9 -6.26 4.27 1.93
CA LEU G 9 -7.16 4.43 0.82
C LEU G 9 -6.51 5.32 -0.23
N PRO G 10 -6.48 4.90 -1.50
CA PRO G 10 -5.98 5.80 -2.55
C PRO G 10 -6.91 6.98 -2.71
N ARG G 11 -6.33 8.16 -2.88
CA ARG G 11 -7.08 9.36 -3.25
C ARG G 11 -7.29 9.31 -4.76
N ALA G 12 -8.45 8.82 -5.18
CA ALA G 12 -8.79 8.67 -6.58
C ALA G 12 -9.98 9.54 -6.98
N GLY G 13 -10.27 10.59 -6.22
CA GLY G 13 -11.32 11.53 -6.61
C GLY G 13 -12.68 10.89 -6.84
N GLY G 14 -13.03 9.91 -6.03
CA GLY G 14 -14.33 9.29 -6.12
C GLY G 14 -14.96 9.12 -4.76
N PRO G 15 -16.23 8.69 -4.73
CA PRO G 15 -16.87 8.41 -3.44
C PRO G 15 -16.10 7.34 -2.68
N LEU G 16 -15.69 7.66 -1.45
CA LEU G 16 -14.95 6.71 -0.64
C LEU G 16 -15.77 5.46 -0.36
N GLY G 17 -17.10 5.59 -0.35
CA GLY G 17 -17.97 4.44 -0.21
C GLY G 17 -18.33 4.08 1.21
N LEU G 18 -18.26 5.02 2.15
CA LEU G 18 -18.57 4.75 3.54
C LEU G 18 -19.59 5.76 4.04
N SER G 19 -20.20 5.44 5.17
CA SER G 19 -21.16 6.31 5.84
C SER G 19 -20.90 6.23 7.33
N ILE G 20 -20.86 7.38 8.00
CA ILE G 20 -20.53 7.43 9.41
C ILE G 20 -21.71 7.95 10.21
N VAL G 21 -21.71 7.62 11.50
CA VAL G 21 -22.75 8.05 12.43
C VAL G 21 -22.08 8.35 13.77
N GLY G 22 -22.61 9.34 14.48
CA GLY G 22 -22.18 9.61 15.82
C GLY G 22 -21.27 10.82 15.94
N GLY G 23 -20.65 10.93 17.10
CA GLY G 23 -19.80 12.05 17.43
C GLY G 23 -20.13 12.63 18.80
N SER G 24 -19.29 13.58 19.22
CA SER G 24 -19.44 14.18 20.53
C SER G 24 -20.67 15.08 20.62
N ASP G 25 -21.23 15.48 19.49
CA ASP G 25 -22.39 16.37 19.48
C ASP G 25 -23.69 15.57 19.39
N GLU G 35 -22.13 4.19 20.97
CA GLU G 35 -22.19 5.26 21.97
C GLU G 35 -20.85 5.95 22.14
N PRO G 36 -19.74 5.19 22.21
CA PRO G 36 -18.46 5.83 22.57
C PRO G 36 -18.01 6.95 21.62
N GLY G 37 -18.01 6.73 20.31
CA GLY G 37 -17.42 7.73 19.43
C GLY G 37 -18.09 7.92 18.08
N VAL G 38 -17.29 7.87 17.02
CA VAL G 38 -17.74 8.01 15.64
C VAL G 38 -17.59 6.66 14.96
N PHE G 39 -18.67 6.17 14.34
CA PHE G 39 -18.70 4.83 13.77
C PHE G 39 -19.05 4.86 12.29
N ILE G 40 -18.60 3.83 11.59
CA ILE G 40 -19.00 3.58 10.20
C ILE G 40 -20.29 2.77 10.24
N SER G 41 -21.37 3.33 9.67
CA SER G 41 -22.65 2.65 9.68
C SER G 41 -22.98 1.92 8.37
N LYS G 42 -22.38 2.32 7.25
CA LYS G 42 -22.62 1.63 5.99
C LYS G 42 -21.31 1.49 5.22
N VAL G 43 -21.20 0.40 4.47
CA VAL G 43 -20.09 0.16 3.56
C VAL G 43 -20.69 -0.33 2.25
N LEU G 44 -20.55 0.46 1.20
CA LEU G 44 -21.12 0.07 -0.09
C LEU G 44 -20.40 -1.17 -0.59
N PRO G 45 -21.12 -2.21 -1.03
CA PRO G 45 -20.46 -3.52 -1.20
C PRO G 45 -19.31 -3.50 -2.19
N ARG G 46 -19.42 -2.73 -3.27
CA ARG G 46 -18.37 -2.64 -4.27
C ARG G 46 -17.55 -1.36 -4.14
N GLY G 47 -17.77 -0.57 -3.10
CA GLY G 47 -17.07 0.68 -2.94
C GLY G 47 -15.62 0.51 -2.55
N LEU G 48 -14.89 1.63 -2.61
CA LEU G 48 -13.48 1.61 -2.25
C LEU G 48 -13.27 1.22 -0.79
N ALA G 49 -14.14 1.71 0.10
CA ALA G 49 -14.01 1.38 1.51
C ALA G 49 -14.14 -0.13 1.74
N ALA G 50 -15.15 -0.74 1.13
CA ALA G 50 -15.28 -2.20 1.21
C ALA G 50 -14.08 -2.89 0.59
N ARG G 51 -13.61 -2.39 -0.55
CA ARG G 51 -12.45 -2.96 -1.23
C ARG G 51 -11.15 -2.72 -0.48
N SER G 52 -11.14 -1.82 0.52
CA SER G 52 -9.93 -1.49 1.24
C SER G 52 -9.88 -2.05 2.65
N GLY G 53 -10.95 -2.67 3.14
CA GLY G 53 -10.93 -3.35 4.42
C GLY G 53 -11.79 -2.74 5.50
N LEU G 54 -12.56 -1.70 5.21
CA LEU G 54 -13.43 -1.11 6.21
C LEU G 54 -14.70 -1.94 6.36
N ARG G 55 -15.27 -1.89 7.56
CA ARG G 55 -16.46 -2.68 7.88
C ARG G 55 -17.39 -1.86 8.77
N VAL G 56 -18.68 -2.17 8.68
CA VAL G 56 -19.64 -1.55 9.58
C VAL G 56 -19.25 -1.87 11.01
N GLY G 57 -19.49 -0.92 11.92
CA GLY G 57 -19.17 -1.09 13.31
C GLY G 57 -17.82 -0.55 13.72
N ASP G 58 -16.94 -0.28 12.77
CA ASP G 58 -15.62 0.27 13.09
C ASP G 58 -15.76 1.68 13.66
N ARG G 59 -14.90 1.98 14.63
CA ARG G 59 -14.73 3.36 15.10
C ARG G 59 -13.56 3.97 14.35
N ILE G 60 -13.79 5.14 13.74
CA ILE G 60 -12.69 5.89 13.14
C ILE G 60 -11.95 6.58 14.28
N LEU G 61 -10.71 6.14 14.55
CA LEU G 61 -9.91 6.73 15.61
C LEU G 61 -9.10 7.93 15.13
N ALA G 62 -8.61 7.91 13.89
CA ALA G 62 -7.81 9.01 13.37
C ALA G 62 -7.95 9.04 11.86
N VAL G 63 -7.92 10.24 11.30
CA VAL G 63 -7.96 10.45 9.84
C VAL G 63 -6.71 11.22 9.47
N ASN G 64 -5.78 10.56 8.78
CA ASN G 64 -4.50 11.17 8.39
C ASN G 64 -3.78 11.74 9.61
N GLY G 65 -3.88 11.04 10.73
CA GLY G 65 -3.13 11.34 11.93
C GLY G 65 -3.86 12.21 12.93
N GLN G 66 -4.87 12.96 12.51
CA GLN G 66 -5.64 13.78 13.43
C GLN G 66 -6.58 12.88 14.22
N ASP G 67 -6.56 13.02 15.54
CA ASP G 67 -7.43 12.22 16.39
C ASP G 67 -8.87 12.70 16.26
N VAL G 68 -9.78 11.80 15.87
CA VAL G 68 -11.20 12.09 15.81
C VAL G 68 -11.99 11.20 16.77
N ARG G 69 -11.31 10.59 17.74
CA ARG G 69 -11.97 9.67 18.66
C ARG G 69 -13.03 10.37 19.50
N ASP G 70 -12.82 11.65 19.81
CA ASP G 70 -13.77 12.46 20.57
C ASP G 70 -14.25 13.65 19.75
N ALA G 71 -14.22 13.54 18.44
CA ALA G 71 -14.61 14.65 17.57
C ALA G 71 -16.13 14.66 17.36
N THR G 72 -16.62 15.83 16.99
CA THR G 72 -18.02 15.95 16.62
C THR G 72 -18.23 15.36 15.23
N HIS G 73 -19.50 15.18 14.87
CA HIS G 73 -19.80 14.60 13.56
C HIS G 73 -19.24 15.46 12.44
N GLN G 74 -19.36 16.78 12.55
CA GLN G 74 -18.81 17.66 11.53
C GLN G 74 -17.29 17.55 11.46
N GLU G 75 -16.63 17.48 12.62
CA GLU G 75 -15.18 17.41 12.62
C GLU G 75 -14.69 16.18 11.87
N ALA G 76 -15.34 15.03 12.09
CA ALA G 76 -14.98 13.83 11.36
C ALA G 76 -15.31 13.97 9.88
N VAL G 77 -16.54 14.40 9.58
CA VAL G 77 -16.94 14.61 8.18
C VAL G 77 -15.92 15.51 7.49
N SER G 78 -15.56 16.63 8.14
CA SER G 78 -14.61 17.56 7.55
C SER G 78 -13.23 16.93 7.41
N ALA G 79 -12.81 16.17 8.44
CA ALA G 79 -11.52 15.50 8.37
C ALA G 79 -11.47 14.45 7.26
N LEU G 80 -12.62 13.92 6.84
CA LEU G 80 -12.64 12.92 5.78
C LEU G 80 -12.61 13.57 4.41
N LEU G 81 -13.32 14.69 4.25
CA LEU G 81 -13.37 15.37 2.97
C LEU G 81 -12.11 16.19 2.70
N ARG G 82 -11.46 16.68 3.75
CA ARG G 82 -10.35 17.62 3.63
C ARG G 82 -8.97 17.00 3.50
N PRO G 83 -8.68 15.83 4.10
CA PRO G 83 -7.31 15.33 4.26
C PRO G 83 -6.18 16.34 4.02
N LEU G 85 -2.22 12.07 -1.09
CA LEU G 85 -2.07 11.04 -2.11
C LEU G 85 -2.78 9.76 -1.67
N GLU G 86 -2.83 9.56 -0.36
CA GLU G 86 -3.54 8.43 0.24
C GLU G 86 -4.19 8.92 1.52
N LEU G 87 -5.42 8.49 1.76
CA LEU G 87 -6.12 8.75 3.01
C LEU G 87 -5.96 7.55 3.92
N SER G 88 -5.47 7.78 5.14
CA SER G 88 -5.23 6.73 6.13
C SER G 88 -6.21 6.90 7.29
N LEU G 89 -6.95 5.84 7.61
CA LEU G 89 -7.87 5.84 8.74
C LEU G 89 -7.44 4.72 9.65
N LEU G 90 -7.23 5.03 10.93
CA LEU G 90 -6.97 3.99 11.91
C LEU G 90 -8.27 3.68 12.65
N VAL G 91 -8.64 2.41 12.68
CA VAL G 91 -9.96 2.02 13.15
C VAL G 91 -9.84 1.08 14.34
N ARG G 92 -10.86 1.06 15.19
CA ARG G 92 -11.01 0.03 16.21
C ARG G 92 -12.11 -0.93 15.80
N ARG G 93 -11.87 -2.22 16.01
CA ARG G 93 -12.76 -3.26 15.49
C ARG G 93 -12.91 -4.37 16.52
N ASP G 94 -14.13 -4.58 17.01
CA ASP G 94 -14.39 -5.61 18.00
C ASP G 94 -14.91 -6.88 17.34
N ARG H 4 -28.27 9.06 17.78
CA ARG H 4 -27.78 9.45 16.47
C ARG H 4 -28.87 10.08 15.58
N THR H 5 -28.68 11.34 15.20
CA THR H 5 -29.69 12.09 14.48
C THR H 5 -29.25 12.44 13.07
N ILE H 6 -28.09 11.95 12.63
CA ILE H 6 -27.57 12.31 11.32
C ILE H 6 -26.60 11.23 10.85
N GLU H 7 -26.67 10.91 9.57
CA GLU H 7 -25.76 9.96 8.94
C GLU H 7 -25.16 10.60 7.69
N SER H 8 -23.85 10.63 7.62
CA SER H 8 -23.14 11.25 6.50
C SER H 8 -22.61 10.16 5.57
N LYS H 9 -23.06 10.19 4.32
CA LYS H 9 -22.58 9.29 3.28
C LYS H 9 -21.54 10.01 2.44
N VAL H 10 -20.38 9.39 2.28
CA VAL H 10 -19.27 10.02 1.57
C VAL H 10 -18.50 8.97 0.78
#